data_1RQH
#
_entry.id   1RQH
#
_cell.length_a   96.025
_cell.length_b   145.720
_cell.length_c   78.747
_cell.angle_alpha   90.00
_cell.angle_beta   90.00
_cell.angle_gamma   90.00
#
_symmetry.space_group_name_H-M   'C 2 2 21'
#
loop_
_entity.id
_entity.type
_entity.pdbx_description
1 polymer 'transcarboxylase 5S subunit'
2 non-polymer 'COBALT (II) ION'
3 non-polymer 'PYRUVIC ACID'
4 water water
#
_entity_poly.entity_id   1
_entity_poly.type   'polypeptide(L)'
_entity_poly.pdbx_seq_one_letter_code
;MAISRELVDPNSSPREIEVSEPREVGITELVLRDAHQSLMATRMAMEDMVGACADIDAAGYWSVECWGGATYDSCIRFLN
EDPWERLRTFRKLMPNSRLQMLLRGQNLLGYRHYNDEVVDRFVDKSAENGMDVFRVFDAMNDPRNMAHAMAAVKKAGKHA
QGTICYTISPVHTVEGYVKLAGQLLDMGADSIAL(KCX)DMAALLKPQPAYDIIKAIKDTYGQKTQINLHCHSTTGVTEV
SLMKAIEAGVDVVDTAISSMSLGPGHNPTESVAEMLEGTGYTTNLDYDRLHKIRDHFKAIRPKYKKFESKTLVDTSIFKS
QIPGGMLSNMESQLRAQGAEDKMDEVMAEVPRVRKAAGFPPLVTPSSQIVGTQAVFNVMMGEYKRMTGEFADIMLGYYGA
SPADRDPKVVKLAEEQSGKKPITQRPADLLPPEWEKQSKEAATLKGFNGTDEDVLTYALFPQVAPVFFEHRAEGPHSVAL
TDAQLKAEAEGDEKSLAVAGPVTYNVNVGGTVREVTVQQATRASQPELAPEDPEDLEHHHHHH
;
_entity_poly.pdbx_strand_id   A
#
# COMPACT_ATOMS: atom_id res chain seq x y z
N ARG A 15 -11.77 6.41 -37.30
CA ARG A 15 -11.01 6.45 -36.02
C ARG A 15 -11.29 5.15 -35.26
N GLU A 16 -10.25 4.40 -34.92
CA GLU A 16 -10.45 3.12 -34.24
C GLU A 16 -9.49 2.95 -33.08
N ILE A 17 -9.86 2.06 -32.16
CA ILE A 17 -9.03 1.72 -31.02
C ILE A 17 -8.92 0.20 -30.93
N GLU A 18 -7.69 -0.30 -30.90
CA GLU A 18 -7.48 -1.73 -30.80
C GLU A 18 -7.78 -2.17 -29.38
N VAL A 19 -8.55 -3.25 -29.23
CA VAL A 19 -8.87 -3.76 -27.91
C VAL A 19 -8.49 -5.24 -27.84
N SER A 20 -8.18 -5.74 -26.64
CA SER A 20 -7.79 -7.13 -26.46
C SER A 20 -8.93 -8.06 -26.84
N GLU A 21 -8.61 -9.31 -27.16
CA GLU A 21 -9.62 -10.28 -27.58
C GLU A 21 -10.52 -10.64 -26.39
N PRO A 22 -11.73 -11.15 -26.66
CA PRO A 22 -12.68 -11.55 -25.61
C PRO A 22 -11.93 -12.46 -24.66
N ARG A 23 -12.11 -12.27 -23.35
CA ARG A 23 -11.37 -13.08 -22.40
C ARG A 23 -11.92 -12.85 -21.00
N GLU A 24 -11.45 -13.69 -20.09
CA GLU A 24 -11.86 -13.61 -18.71
C GLU A 24 -10.88 -12.69 -17.97
N VAL A 25 -11.41 -11.75 -17.19
CA VAL A 25 -10.59 -10.83 -16.43
C VAL A 25 -10.62 -11.25 -14.96
N GLY A 26 -9.46 -11.39 -14.35
CA GLY A 26 -9.41 -11.79 -12.95
C GLY A 26 -9.70 -10.63 -12.01
N ILE A 27 -10.21 -10.94 -10.82
CA ILE A 27 -10.54 -9.90 -9.85
C ILE A 27 -9.91 -10.21 -8.49
N THR A 28 -9.29 -9.21 -7.90
CA THR A 28 -8.72 -9.35 -6.56
C THR A 28 -9.59 -8.52 -5.60
N GLU A 29 -10.17 -9.18 -4.60
CA GLU A 29 -11.02 -8.52 -3.61
C GLU A 29 -10.14 -7.91 -2.52
N LEU A 30 -10.44 -6.66 -2.15
CA LEU A 30 -9.63 -5.93 -1.17
C LEU A 30 -10.39 -5.69 0.13
N VAL A 31 -11.62 -6.18 0.27
CA VAL A 31 -12.41 -5.86 1.46
C VAL A 31 -11.70 -6.23 2.76
N LEU A 32 -10.88 -7.29 2.78
CA LEU A 32 -10.26 -7.72 4.03
C LEU A 32 -8.98 -6.94 4.37
N ARG A 33 -8.49 -6.06 3.51
CA ARG A 33 -7.28 -5.32 3.85
C ARG A 33 -7.40 -3.85 3.43
N ASP A 34 -7.10 -3.56 2.17
CA ASP A 34 -7.06 -2.17 1.72
C ASP A 34 -8.41 -1.43 1.85
N ALA A 35 -9.53 -2.11 1.65
CA ALA A 35 -10.82 -1.41 1.74
C ALA A 35 -10.98 -0.75 3.11
N HIS A 36 -10.77 -1.49 4.20
CA HIS A 36 -10.97 -0.87 5.51
C HIS A 36 -9.77 -0.03 5.92
N GLN A 37 -8.60 -0.28 5.34
CA GLN A 37 -7.46 0.56 5.67
C GLN A 37 -7.72 1.95 5.11
N SER A 38 -8.35 2.01 3.94
CA SER A 38 -8.63 3.26 3.24
C SER A 38 -9.91 3.94 3.74
N LEU A 39 -10.90 3.16 4.17
CA LEU A 39 -12.18 3.78 4.55
C LEU A 39 -12.37 3.93 6.06
N MET A 40 -11.79 3.07 6.90
CA MET A 40 -12.03 3.24 8.33
C MET A 40 -10.75 3.03 9.15
N ALA A 41 -9.66 3.63 8.69
CA ALA A 41 -8.37 3.64 9.37
C ALA A 41 -7.89 2.24 9.80
N THR A 42 -8.15 1.23 8.98
CA THR A 42 -7.67 -0.13 9.25
C THR A 42 -8.17 -0.66 10.61
N ARG A 43 -9.29 -0.14 11.11
CA ARG A 43 -9.77 -0.56 12.43
C ARG A 43 -10.72 -1.78 12.34
N MET A 44 -10.95 -2.35 11.16
CA MET A 44 -11.87 -3.50 11.04
C MET A 44 -11.41 -4.66 11.94
N ALA A 45 -12.29 -5.09 12.83
CA ALA A 45 -12.01 -6.17 13.77
C ALA A 45 -12.11 -7.52 13.06
N MET A 46 -11.26 -8.47 13.47
CA MET A 46 -11.27 -9.79 12.87
C MET A 46 -12.67 -10.41 13.04
N GLU A 47 -13.28 -10.15 14.19
CA GLU A 47 -14.63 -10.66 14.51
C GLU A 47 -15.65 -10.25 13.43
N ASP A 48 -15.47 -9.06 12.85
CA ASP A 48 -16.40 -8.55 11.86
C ASP A 48 -16.06 -9.03 10.44
N MET A 49 -14.97 -9.77 10.27
CA MET A 49 -14.59 -10.22 8.93
C MET A 49 -14.79 -11.73 8.72
N VAL A 50 -14.45 -12.55 9.72
CA VAL A 50 -14.49 -14.01 9.56
C VAL A 50 -15.83 -14.54 9.04
N GLY A 51 -16.93 -13.86 9.32
CA GLY A 51 -18.21 -14.35 8.84
C GLY A 51 -18.41 -14.33 7.32
N ALA A 52 -17.56 -13.62 6.60
CA ALA A 52 -17.71 -13.53 5.14
C ALA A 52 -16.67 -14.40 4.42
N CYS A 53 -15.77 -15.03 5.17
CA CYS A 53 -14.69 -15.80 4.55
C CYS A 53 -15.19 -16.94 3.69
N ALA A 54 -16.18 -17.69 4.15
CA ALA A 54 -16.67 -18.83 3.36
C ALA A 54 -17.17 -18.35 2.00
N ASP A 55 -17.94 -17.26 1.97
CA ASP A 55 -18.47 -16.75 0.71
C ASP A 55 -17.36 -16.16 -0.15
N ILE A 56 -16.43 -15.45 0.47
CA ILE A 56 -15.32 -14.84 -0.25
C ILE A 56 -14.49 -15.93 -0.91
N ASP A 57 -14.30 -17.03 -0.19
CA ASP A 57 -13.50 -18.14 -0.66
C ASP A 57 -14.18 -18.81 -1.86
N ALA A 58 -15.49 -18.71 -1.97
CA ALA A 58 -16.19 -19.39 -3.07
C ALA A 58 -16.70 -18.38 -4.11
N ALA A 59 -16.26 -17.13 -4.04
CA ALA A 59 -16.75 -16.11 -4.98
C ALA A 59 -16.13 -16.27 -6.37
N GLY A 60 -14.88 -16.70 -6.44
CA GLY A 60 -14.22 -16.86 -7.72
C GLY A 60 -13.14 -15.82 -7.99
N TYR A 61 -12.64 -15.20 -6.92
CA TYR A 61 -11.61 -14.17 -7.03
C TYR A 61 -10.29 -14.79 -7.45
N TRP A 62 -9.44 -14.00 -8.14
CA TRP A 62 -8.12 -14.49 -8.51
C TRP A 62 -7.27 -14.57 -7.22
N SER A 63 -7.49 -13.60 -6.34
CA SER A 63 -6.79 -13.57 -5.06
C SER A 63 -7.59 -12.74 -4.06
N VAL A 64 -7.26 -12.88 -2.78
CA VAL A 64 -7.94 -12.17 -1.71
C VAL A 64 -6.89 -11.41 -0.88
N GLU A 65 -6.81 -10.08 -1.04
CA GLU A 65 -5.84 -9.33 -0.26
C GLU A 65 -6.35 -9.27 1.18
N CYS A 66 -5.61 -9.86 2.12
CA CYS A 66 -6.09 -9.91 3.49
C CYS A 66 -4.97 -9.71 4.52
N TRP A 67 -3.80 -9.24 4.10
CA TRP A 67 -2.73 -9.08 5.08
C TRP A 67 -1.73 -8.04 4.59
N GLY A 68 -0.80 -7.66 5.46
CA GLY A 68 0.18 -6.67 5.07
C GLY A 68 -0.39 -5.27 5.16
N GLY A 69 0.29 -4.31 4.53
CA GLY A 69 -0.18 -2.95 4.61
C GLY A 69 -0.11 -2.50 6.05
N ALA A 70 -1.06 -1.68 6.48
CA ALA A 70 -1.05 -1.17 7.85
C ALA A 70 -1.80 -2.09 8.81
N THR A 71 -2.25 -3.26 8.37
CA THR A 71 -3.01 -4.14 9.25
C THR A 71 -2.13 -4.72 10.36
N TYR A 72 -0.84 -4.95 10.11
CA TYR A 72 0.03 -5.51 11.15
C TYR A 72 0.10 -4.50 12.32
N ASP A 73 0.39 -3.25 11.98
CA ASP A 73 0.46 -2.17 12.97
C ASP A 73 -0.87 -2.05 13.71
N SER A 74 -1.97 -2.00 12.96
CA SER A 74 -3.30 -1.84 13.57
C SER A 74 -3.64 -2.97 14.53
N CYS A 75 -3.32 -4.21 14.13
CA CYS A 75 -3.62 -5.36 14.96
C CYS A 75 -2.98 -5.24 16.35
N ILE A 76 -1.69 -4.94 16.39
CA ILE A 76 -0.99 -4.88 17.68
C ILE A 76 -1.15 -3.54 18.39
N ARG A 77 -1.37 -2.47 17.64
CA ARG A 77 -1.45 -1.16 18.27
C ARG A 77 -2.87 -0.83 18.73
N PHE A 78 -3.89 -1.21 17.97
CA PHE A 78 -5.25 -0.81 18.34
C PHE A 78 -6.17 -1.98 18.67
N LEU A 79 -5.94 -3.16 18.11
CA LEU A 79 -6.90 -4.24 18.33
C LEU A 79 -6.39 -5.34 19.24
N ASN A 80 -5.20 -5.20 19.81
CA ASN A 80 -4.65 -6.24 20.69
C ASN A 80 -4.81 -7.59 20.01
N GLU A 81 -4.48 -7.64 18.72
CA GLU A 81 -4.63 -8.86 17.93
C GLU A 81 -3.27 -9.25 17.34
N ASP A 82 -2.95 -10.53 17.37
CA ASP A 82 -1.69 -11.00 16.80
C ASP A 82 -1.88 -11.14 15.29
N PRO A 83 -1.14 -10.36 14.49
CA PRO A 83 -1.21 -10.39 13.03
C PRO A 83 -1.02 -11.80 12.47
N TRP A 84 -0.13 -12.56 13.08
CA TRP A 84 0.13 -13.91 12.61
C TRP A 84 -1.10 -14.78 12.86
N GLU A 85 -1.84 -14.51 13.92
CA GLU A 85 -3.02 -15.30 14.18
C GLU A 85 -4.08 -14.93 13.13
N ARG A 86 -4.14 -13.66 12.75
CA ARG A 86 -5.10 -13.22 11.73
C ARG A 86 -4.81 -13.97 10.44
N LEU A 87 -3.52 -14.04 10.08
CA LEU A 87 -3.10 -14.73 8.85
C LEU A 87 -3.50 -16.21 8.92
N ARG A 88 -3.16 -16.88 10.02
CA ARG A 88 -3.49 -18.29 10.16
C ARG A 88 -5.00 -18.53 10.05
N THR A 89 -5.80 -17.66 10.65
CA THR A 89 -7.25 -17.85 10.60
C THR A 89 -7.77 -17.69 9.17
N PHE A 90 -7.28 -16.68 8.46
CA PHE A 90 -7.72 -16.46 7.07
C PHE A 90 -7.31 -17.64 6.19
N ARG A 91 -6.13 -18.21 6.41
CA ARG A 91 -5.67 -19.35 5.60
C ARG A 91 -6.59 -20.55 5.83
N LYS A 92 -7.08 -20.67 7.05
CA LYS A 92 -7.94 -21.77 7.45
C LYS A 92 -9.38 -21.58 6.95
N LEU A 93 -9.90 -20.36 7.01
CA LEU A 93 -11.29 -20.11 6.59
C LEU A 93 -11.43 -19.91 5.08
N MET A 94 -10.32 -19.67 4.38
CA MET A 94 -10.39 -19.50 2.92
C MET A 94 -9.33 -20.43 2.30
N PRO A 95 -9.49 -21.75 2.50
CA PRO A 95 -8.56 -22.76 1.99
C PRO A 95 -8.35 -22.88 0.47
N ASN A 96 -9.31 -22.44 -0.32
CA ASN A 96 -9.19 -22.57 -1.77
C ASN A 96 -8.78 -21.25 -2.42
N SER A 97 -8.41 -20.25 -1.64
CA SER A 97 -8.09 -18.96 -2.24
C SER A 97 -6.61 -18.64 -2.20
N ARG A 98 -6.19 -17.78 -3.15
CA ARG A 98 -4.83 -17.28 -3.15
C ARG A 98 -4.83 -16.08 -2.21
N LEU A 99 -4.14 -16.16 -1.08
CA LEU A 99 -4.11 -15.00 -0.19
C LEU A 99 -3.06 -14.04 -0.71
N GLN A 100 -3.30 -12.74 -0.55
CA GLN A 100 -2.37 -11.74 -1.06
C GLN A 100 -2.11 -10.71 0.02
N MET A 101 -0.90 -10.15 0.02
CA MET A 101 -0.56 -9.11 0.99
C MET A 101 0.22 -8.03 0.28
N LEU A 102 0.37 -6.89 0.94
CA LEU A 102 1.17 -5.77 0.46
C LEU A 102 2.38 -5.70 1.37
N LEU A 103 3.57 -5.67 0.79
CA LEU A 103 4.81 -5.64 1.57
C LEU A 103 5.72 -4.53 1.02
N ARG A 104 6.15 -3.60 1.87
CA ARG A 104 6.96 -2.49 1.40
C ARG A 104 8.44 -2.83 1.32
N GLY A 105 8.77 -3.81 0.48
CA GLY A 105 10.15 -4.22 0.26
C GLY A 105 11.08 -4.37 1.46
N GLN A 106 12.24 -3.73 1.37
CA GLN A 106 13.27 -3.82 2.41
C GLN A 106 12.76 -3.24 3.73
N ASN A 107 11.64 -2.51 3.68
CA ASN A 107 11.06 -1.92 4.90
C ASN A 107 10.10 -2.90 5.54
N LEU A 108 9.74 -3.94 4.78
CA LEU A 108 8.80 -4.94 5.25
C LEU A 108 7.51 -4.19 5.66
N LEU A 109 7.01 -4.46 6.86
CA LEU A 109 5.83 -3.74 7.33
C LEU A 109 6.28 -2.79 8.43
N GLY A 110 7.60 -2.63 8.52
CA GLY A 110 8.22 -1.79 9.53
C GLY A 110 8.45 -0.32 9.26
N TYR A 111 9.29 0.28 10.11
CA TYR A 111 9.58 1.72 10.08
C TYR A 111 10.92 2.04 9.42
N ARG A 112 11.73 1.03 9.08
CA ARG A 112 13.02 1.31 8.46
C ARG A 112 13.44 0.16 7.58
N HIS A 113 14.55 0.34 6.87
CA HIS A 113 15.08 -0.73 6.06
C HIS A 113 15.70 -1.74 7.02
N TYR A 114 15.58 -3.02 6.71
CA TYR A 114 16.17 -4.03 7.57
C TYR A 114 17.26 -4.79 6.83
N ASN A 115 18.12 -5.45 7.60
CA ASN A 115 19.16 -6.27 7.01
C ASN A 115 18.43 -7.39 6.26
N ASP A 116 19.06 -7.90 5.20
CA ASP A 116 18.47 -8.93 4.36
C ASP A 116 17.99 -10.15 5.17
N GLU A 117 18.66 -10.53 6.26
CA GLU A 117 18.23 -11.73 6.97
C GLU A 117 16.87 -11.50 7.64
N VAL A 118 16.53 -10.27 7.96
CA VAL A 118 15.22 -10.02 8.58
C VAL A 118 14.15 -10.18 7.49
N VAL A 119 14.47 -9.73 6.28
CA VAL A 119 13.54 -9.86 5.16
C VAL A 119 13.31 -11.35 4.89
N ASP A 120 14.40 -12.12 4.94
CA ASP A 120 14.31 -13.56 4.68
C ASP A 120 13.36 -14.22 5.70
N ARG A 121 13.58 -13.91 6.98
CA ARG A 121 12.77 -14.47 8.06
C ARG A 121 11.30 -14.14 7.87
N PHE A 122 11.02 -12.86 7.65
CA PHE A 122 9.64 -12.40 7.51
C PHE A 122 8.93 -13.11 6.37
N VAL A 123 9.53 -13.11 5.19
CA VAL A 123 8.92 -13.73 4.02
C VAL A 123 8.73 -15.22 4.29
N ASP A 124 9.78 -15.87 4.80
CA ASP A 124 9.70 -17.30 5.07
C ASP A 124 8.53 -17.61 6.02
N LYS A 125 8.38 -16.86 7.11
CA LYS A 125 7.29 -17.10 8.07
C LYS A 125 5.93 -16.76 7.45
N SER A 126 5.89 -15.72 6.61
CA SER A 126 4.62 -15.34 5.97
C SER A 126 4.13 -16.49 5.08
N ALA A 127 5.03 -17.03 4.27
CA ALA A 127 4.70 -18.13 3.36
C ALA A 127 4.36 -19.38 4.16
N GLU A 128 5.10 -19.61 5.23
CA GLU A 128 4.90 -20.76 6.08
C GLU A 128 3.50 -20.71 6.71
N ASN A 129 3.06 -19.51 7.08
CA ASN A 129 1.76 -19.36 7.72
C ASN A 129 0.64 -19.24 6.68
N GLY A 130 0.97 -19.31 5.40
CA GLY A 130 -0.09 -19.27 4.39
C GLY A 130 -0.20 -18.21 3.31
N MET A 131 0.65 -17.19 3.31
CA MET A 131 0.56 -16.15 2.27
C MET A 131 0.95 -16.73 0.91
N ASP A 132 0.17 -16.43 -0.12
CA ASP A 132 0.42 -16.98 -1.46
C ASP A 132 1.04 -15.93 -2.40
N VAL A 133 0.43 -14.75 -2.47
CA VAL A 133 0.91 -13.70 -3.37
C VAL A 133 1.47 -12.53 -2.59
N PHE A 134 2.71 -12.17 -2.88
CA PHE A 134 3.35 -11.05 -2.20
C PHE A 134 3.50 -9.85 -3.15
N ARG A 135 2.73 -8.79 -2.93
CA ARG A 135 2.88 -7.59 -3.75
C ARG A 135 3.96 -6.75 -3.07
N VAL A 136 5.16 -6.78 -3.65
CA VAL A 136 6.31 -6.07 -3.09
C VAL A 136 6.47 -4.70 -3.75
N PHE A 137 6.61 -3.64 -2.96
CA PHE A 137 6.75 -2.32 -3.54
C PHE A 137 7.70 -1.46 -2.73
N ASP A 138 8.15 -0.38 -3.36
CA ASP A 138 9.01 0.60 -2.71
C ASP A 138 8.42 1.98 -3.00
N ALA A 139 8.28 2.78 -1.95
CA ALA A 139 7.67 4.11 -2.03
C ALA A 139 8.32 4.98 -3.11
N MET A 140 9.61 4.82 -3.36
CA MET A 140 10.25 5.66 -4.37
C MET A 140 10.46 4.90 -5.68
N ASN A 141 9.89 3.70 -5.77
CA ASN A 141 10.01 2.87 -6.96
C ASN A 141 11.47 2.51 -7.23
N ASP A 142 12.28 2.34 -6.20
CA ASP A 142 13.66 1.92 -6.39
C ASP A 142 13.69 0.38 -6.41
N PRO A 143 13.87 -0.23 -7.58
CA PRO A 143 13.91 -1.69 -7.72
C PRO A 143 14.85 -2.41 -6.77
N ARG A 144 15.96 -1.76 -6.42
CA ARG A 144 16.94 -2.38 -5.53
C ARG A 144 16.32 -2.64 -4.15
N ASN A 145 15.37 -1.81 -3.72
CA ASN A 145 14.74 -2.01 -2.42
C ASN A 145 13.71 -3.13 -2.47
N MET A 146 13.34 -3.57 -3.66
CA MET A 146 12.35 -4.63 -3.81
C MET A 146 13.05 -5.97 -4.09
N ALA A 147 14.25 -5.88 -4.65
CA ALA A 147 15.06 -7.04 -5.08
C ALA A 147 15.13 -8.17 -4.06
N HIS A 148 15.57 -7.91 -2.83
CA HIS A 148 15.74 -9.04 -1.90
C HIS A 148 14.42 -9.69 -1.48
N ALA A 149 13.40 -8.90 -1.18
CA ALA A 149 12.10 -9.46 -0.79
C ALA A 149 11.62 -10.38 -1.90
N MET A 150 11.74 -9.91 -3.13
CA MET A 150 11.31 -10.67 -4.30
C MET A 150 12.03 -12.01 -4.36
N ALA A 151 13.34 -12.00 -4.13
CA ALA A 151 14.12 -13.23 -4.17
C ALA A 151 13.64 -14.16 -3.05
N ALA A 152 13.39 -13.60 -1.87
CA ALA A 152 12.93 -14.40 -0.74
C ALA A 152 11.58 -15.05 -1.07
N VAL A 153 10.71 -14.30 -1.75
CA VAL A 153 9.41 -14.81 -2.12
C VAL A 153 9.57 -15.99 -3.10
N LYS A 154 10.47 -15.85 -4.07
CA LYS A 154 10.70 -16.89 -5.05
C LYS A 154 11.27 -18.14 -4.35
N LYS A 155 12.19 -17.93 -3.42
CA LYS A 155 12.78 -19.06 -2.69
C LYS A 155 11.68 -19.85 -1.97
N ALA A 156 10.71 -19.14 -1.41
CA ALA A 156 9.64 -19.80 -0.67
C ALA A 156 8.65 -20.44 -1.64
N GLY A 157 8.90 -20.32 -2.94
CA GLY A 157 8.02 -20.91 -3.93
C GLY A 157 6.66 -20.21 -4.05
N LYS A 158 6.59 -18.95 -3.64
CA LYS A 158 5.34 -18.20 -3.69
C LYS A 158 5.34 -17.25 -4.89
N HIS A 159 4.24 -16.51 -5.06
CA HIS A 159 4.09 -15.60 -6.20
C HIS A 159 4.64 -14.21 -5.87
N ALA A 160 5.66 -13.79 -6.60
CA ALA A 160 6.28 -12.48 -6.38
C ALA A 160 5.69 -11.46 -7.36
N GLN A 161 4.94 -10.50 -6.85
CA GLN A 161 4.34 -9.46 -7.70
C GLN A 161 5.11 -8.16 -7.49
N GLY A 162 5.98 -7.82 -8.43
CA GLY A 162 6.76 -6.58 -8.36
C GLY A 162 5.81 -5.41 -8.57
N THR A 163 6.03 -4.30 -7.87
CA THR A 163 5.07 -3.20 -7.95
C THR A 163 5.68 -1.90 -8.48
N ILE A 164 4.85 -1.21 -9.28
CA ILE A 164 5.17 0.10 -9.83
C ILE A 164 4.17 1.09 -9.21
N CYS A 165 4.64 2.05 -8.41
CA CYS A 165 3.74 3.05 -7.84
C CYS A 165 3.51 4.13 -8.90
N TYR A 166 2.27 4.25 -9.35
CA TYR A 166 1.94 5.24 -10.37
C TYR A 166 1.83 6.63 -9.75
N THR A 167 2.33 7.62 -10.48
CA THR A 167 2.25 9.01 -10.07
C THR A 167 2.34 9.88 -11.31
N ILE A 168 2.05 11.16 -11.13
CA ILE A 168 2.16 12.11 -12.23
C ILE A 168 3.23 13.12 -11.87
N SER A 169 4.26 13.23 -12.70
CA SER A 169 5.32 14.20 -12.48
C SER A 169 6.05 14.44 -13.79
N PRO A 170 6.80 15.55 -13.88
CA PRO A 170 7.53 15.87 -15.10
C PRO A 170 8.50 14.79 -15.58
N VAL A 171 8.85 13.84 -14.71
CA VAL A 171 9.80 12.82 -15.09
C VAL A 171 9.15 11.45 -15.25
N HIS A 172 7.87 11.31 -14.91
CA HIS A 172 7.24 10.01 -15.09
C HIS A 172 6.57 9.94 -16.45
N THR A 173 6.95 8.93 -17.22
CA THR A 173 6.44 8.75 -18.58
C THR A 173 6.12 7.28 -18.80
N VAL A 174 5.46 6.99 -19.92
CA VAL A 174 5.12 5.63 -20.27
C VAL A 174 6.41 4.82 -20.41
N GLU A 175 7.37 5.37 -21.13
CA GLU A 175 8.65 4.70 -21.34
C GLU A 175 9.31 4.43 -19.99
N GLY A 176 9.19 5.38 -19.07
CA GLY A 176 9.77 5.19 -17.76
C GLY A 176 9.12 4.03 -17.01
N TYR A 177 7.81 3.86 -17.18
CA TYR A 177 7.11 2.78 -16.50
C TYR A 177 7.46 1.44 -17.16
N VAL A 178 7.58 1.45 -18.49
CA VAL A 178 7.92 0.23 -19.21
C VAL A 178 9.30 -0.26 -18.75
N LYS A 179 10.22 0.69 -18.51
CA LYS A 179 11.56 0.33 -18.05
C LYS A 179 11.50 -0.31 -16.68
N LEU A 180 10.67 0.24 -15.80
CA LEU A 180 10.56 -0.30 -14.45
C LEU A 180 10.00 -1.71 -14.51
N ALA A 181 9.00 -1.92 -15.37
CA ALA A 181 8.40 -3.23 -15.54
C ALA A 181 9.49 -4.23 -15.91
N GLY A 182 10.39 -3.82 -16.79
CA GLY A 182 11.48 -4.68 -17.20
C GLY A 182 12.40 -5.03 -16.04
N GLN A 183 12.75 -4.03 -15.25
CA GLN A 183 13.62 -4.25 -14.10
C GLN A 183 12.95 -5.20 -13.11
N LEU A 184 11.63 -5.11 -12.99
CA LEU A 184 10.93 -5.99 -12.06
C LEU A 184 10.94 -7.42 -12.61
N LEU A 185 10.73 -7.57 -13.91
CA LEU A 185 10.75 -8.90 -14.51
C LEU A 185 12.15 -9.49 -14.40
N ASP A 186 13.17 -8.65 -14.47
CA ASP A 186 14.55 -9.12 -14.39
C ASP A 186 14.86 -9.67 -12.99
N MET A 187 14.13 -9.22 -11.98
CA MET A 187 14.42 -9.74 -10.64
C MET A 187 13.46 -10.87 -10.30
N GLY A 188 12.94 -11.52 -11.34
CA GLY A 188 12.05 -12.66 -11.17
C GLY A 188 10.57 -12.47 -10.88
N ALA A 189 10.05 -11.27 -11.08
CA ALA A 189 8.63 -11.01 -10.82
C ALA A 189 7.77 -12.00 -11.60
N ASP A 190 6.77 -12.56 -10.92
CA ASP A 190 5.84 -13.48 -11.56
C ASP A 190 4.75 -12.66 -12.21
N SER A 191 4.57 -11.45 -11.72
CA SER A 191 3.57 -10.54 -12.27
C SER A 191 3.94 -9.10 -11.90
N ILE A 192 3.33 -8.14 -12.58
CA ILE A 192 3.61 -6.74 -12.31
C ILE A 192 2.35 -6.07 -11.80
N ALA A 193 2.45 -5.34 -10.70
CA ALA A 193 1.30 -4.63 -10.18
C ALA A 193 1.47 -3.15 -10.46
N LEU A 194 0.46 -2.52 -11.05
CA LEU A 194 0.50 -1.08 -11.26
C LEU A 194 -0.35 -0.47 -10.14
N LYS A 195 0.05 0.23 -9.25
CA LYS A 195 -0.47 0.44 -7.94
C LYS A 195 -0.63 2.12 -7.93
N ASP A 196 -1.94 2.49 -7.90
CA ASP A 196 -2.33 3.89 -8.01
C ASP A 196 -3.07 4.32 -6.75
N MET A 197 -2.37 4.50 -5.66
CA MET A 197 -2.93 4.75 -4.36
C MET A 197 -3.71 6.07 -4.33
N ALA A 198 -3.36 7.08 -5.31
CA ALA A 198 -4.03 8.37 -5.15
C ALA A 198 -5.11 8.53 -6.23
N ALA A 199 -5.38 7.47 -6.98
CA ALA A 199 -6.39 7.50 -8.06
C ALA A 199 -5.99 8.54 -9.12
N LEU A 200 -4.70 8.58 -9.45
CA LEU A 200 -4.20 9.55 -10.43
C LEU A 200 -4.22 8.98 -11.84
N LEU A 201 -4.41 7.66 -11.98
CA LEU A 201 -4.37 7.05 -13.31
C LEU A 201 -5.66 7.34 -14.09
N LYS A 202 -5.51 8.10 -15.17
CA LYS A 202 -6.64 8.43 -16.03
C LYS A 202 -6.78 7.33 -17.09
N PRO A 203 -7.92 7.28 -17.78
CA PRO A 203 -8.19 6.27 -18.81
C PRO A 203 -7.15 6.07 -19.91
N GLN A 204 -6.75 7.14 -20.59
CA GLN A 204 -5.80 6.99 -21.71
C GLN A 204 -4.46 6.48 -21.21
N PRO A 205 -3.92 7.07 -20.13
CA PRO A 205 -2.62 6.61 -19.63
C PRO A 205 -2.69 5.13 -19.22
N ALA A 206 -3.82 4.72 -18.63
CA ALA A 206 -3.98 3.33 -18.21
C ALA A 206 -3.85 2.43 -19.42
N TYR A 207 -4.56 2.78 -20.49
CA TYR A 207 -4.52 2.02 -21.72
C TYR A 207 -3.09 2.00 -22.28
N ASP A 208 -2.49 3.18 -22.40
CA ASP A 208 -1.16 3.32 -23.02
C ASP A 208 -0.07 2.57 -22.24
N ILE A 209 -0.07 2.69 -20.92
CA ILE A 209 0.95 2.02 -20.12
C ILE A 209 0.76 0.50 -20.17
N ILE A 210 -0.46 0.02 -19.98
CA ILE A 210 -0.70 -1.43 -20.00
C ILE A 210 -0.31 -2.01 -21.36
N LYS A 211 -0.77 -1.37 -22.42
CA LYS A 211 -0.52 -1.81 -23.79
C LYS A 211 0.99 -1.81 -24.09
N ALA A 212 1.69 -0.78 -23.62
CA ALA A 212 3.12 -0.65 -23.88
C ALA A 212 3.90 -1.77 -23.16
N ILE A 213 3.44 -2.14 -21.96
CA ILE A 213 4.11 -3.19 -21.23
C ILE A 213 3.85 -4.53 -21.92
N LYS A 214 2.60 -4.72 -22.35
CA LYS A 214 2.21 -5.96 -23.04
C LYS A 214 2.94 -6.05 -24.39
N ASP A 215 3.08 -4.93 -25.09
CA ASP A 215 3.73 -4.93 -26.40
C ASP A 215 5.22 -5.18 -26.26
N THR A 216 5.82 -4.64 -25.20
CA THR A 216 7.25 -4.74 -25.01
C THR A 216 7.70 -6.09 -24.45
N TYR A 217 7.00 -6.64 -23.46
CA TYR A 217 7.48 -7.88 -22.86
C TYR A 217 6.63 -9.09 -23.25
N GLY A 218 5.57 -8.88 -24.00
CA GLY A 218 4.74 -10.01 -24.40
C GLY A 218 3.42 -10.09 -23.67
N GLN A 219 2.42 -10.67 -24.33
CA GLN A 219 1.08 -10.80 -23.77
C GLN A 219 1.09 -11.69 -22.54
N LYS A 220 2.10 -12.55 -22.41
CA LYS A 220 2.17 -13.47 -21.28
C LYS A 220 2.53 -12.72 -19.99
N THR A 221 2.97 -11.47 -20.11
CA THR A 221 3.33 -10.68 -18.93
C THR A 221 2.06 -10.39 -18.12
N GLN A 222 1.99 -10.90 -16.89
CA GLN A 222 0.80 -10.67 -16.06
C GLN A 222 0.87 -9.31 -15.38
N ILE A 223 -0.19 -8.54 -15.54
CA ILE A 223 -0.27 -7.23 -14.93
C ILE A 223 -1.57 -7.13 -14.13
N ASN A 224 -1.47 -6.71 -12.87
CA ASN A 224 -2.63 -6.51 -12.01
C ASN A 224 -2.77 -5.02 -11.76
N LEU A 225 -3.95 -4.44 -11.99
CA LEU A 225 -4.11 -2.99 -11.80
C LEU A 225 -4.84 -2.72 -10.49
N HIS A 226 -4.23 -1.88 -9.66
CA HIS A 226 -4.80 -1.50 -8.36
C HIS A 226 -5.07 0.00 -8.36
N CYS A 227 -6.33 0.41 -8.47
CA CYS A 227 -6.66 1.84 -8.47
C CYS A 227 -7.65 2.17 -7.37
N HIS A 228 -7.40 3.26 -6.65
CA HIS A 228 -8.35 3.74 -5.67
C HIS A 228 -9.36 4.57 -6.45
N SER A 229 -10.47 4.96 -5.84
CA SER A 229 -11.53 5.71 -6.53
C SER A 229 -11.63 7.14 -6.03
N THR A 230 -10.62 7.58 -5.29
CA THR A 230 -10.56 8.91 -4.69
C THR A 230 -10.96 10.05 -5.64
N THR A 231 -10.45 10.06 -6.87
CA THR A 231 -10.73 11.13 -7.84
C THR A 231 -11.97 10.83 -8.67
N GLY A 232 -12.51 9.62 -8.57
CA GLY A 232 -13.70 9.27 -9.32
C GLY A 232 -13.56 8.96 -10.80
N VAL A 233 -12.34 8.80 -11.32
CA VAL A 233 -12.17 8.54 -12.76
C VAL A 233 -11.61 7.14 -13.03
N THR A 234 -11.25 6.39 -11.98
CA THR A 234 -10.53 5.12 -12.22
C THR A 234 -11.39 3.94 -12.66
N GLU A 235 -12.71 3.93 -12.49
CA GLU A 235 -13.40 2.74 -13.00
C GLU A 235 -13.36 2.80 -14.53
N VAL A 236 -13.29 4.02 -15.08
CA VAL A 236 -13.20 4.17 -16.53
C VAL A 236 -11.79 3.72 -16.93
N SER A 237 -10.83 3.98 -16.04
CA SER A 237 -9.45 3.59 -16.29
C SER A 237 -9.37 2.06 -16.31
N LEU A 238 -10.12 1.42 -15.42
CA LEU A 238 -10.16 -0.04 -15.35
C LEU A 238 -10.68 -0.61 -16.68
N MET A 239 -11.72 0.00 -17.25
CA MET A 239 -12.27 -0.48 -18.53
C MET A 239 -11.20 -0.33 -19.61
N LYS A 240 -10.50 0.81 -19.63
CA LYS A 240 -9.45 1.03 -20.61
C LYS A 240 -8.30 0.06 -20.41
N ALA A 241 -7.99 -0.24 -19.14
CA ALA A 241 -6.91 -1.18 -18.87
C ALA A 241 -7.31 -2.56 -19.39
N ILE A 242 -8.58 -2.89 -19.27
CA ILE A 242 -9.05 -4.20 -19.75
C ILE A 242 -9.01 -4.22 -21.26
N GLU A 243 -9.36 -3.11 -21.91
CA GLU A 243 -9.28 -3.06 -23.37
C GLU A 243 -7.80 -3.20 -23.78
N ALA A 244 -6.90 -2.72 -22.93
CA ALA A 244 -5.46 -2.78 -23.24
C ALA A 244 -4.89 -4.17 -22.91
N GLY A 245 -5.69 -5.01 -22.26
CA GLY A 245 -5.25 -6.36 -21.95
C GLY A 245 -4.83 -6.68 -20.53
N VAL A 246 -5.16 -5.83 -19.56
CA VAL A 246 -4.77 -6.12 -18.18
C VAL A 246 -5.39 -7.47 -17.77
N ASP A 247 -4.65 -8.23 -16.97
CA ASP A 247 -5.03 -9.57 -16.55
C ASP A 247 -5.93 -9.57 -15.32
N VAL A 248 -5.63 -8.70 -14.35
CA VAL A 248 -6.40 -8.66 -13.11
C VAL A 248 -6.58 -7.21 -12.63
N VAL A 249 -7.74 -6.90 -12.04
CA VAL A 249 -8.00 -5.57 -11.49
C VAL A 249 -8.49 -5.74 -10.05
N ASP A 250 -8.08 -4.84 -9.17
CA ASP A 250 -8.45 -4.89 -7.75
C ASP A 250 -9.71 -4.07 -7.50
N THR A 251 -10.64 -4.64 -6.73
CA THR A 251 -11.89 -3.98 -6.41
C THR A 251 -12.27 -4.30 -4.96
N ALA A 252 -13.27 -3.59 -4.44
CA ALA A 252 -13.76 -3.79 -3.09
C ALA A 252 -15.27 -4.02 -3.14
N ILE A 253 -15.77 -5.02 -2.40
CA ILE A 253 -17.21 -5.30 -2.40
C ILE A 253 -17.96 -3.97 -2.27
N SER A 254 -19.07 -3.83 -3.00
CA SER A 254 -19.86 -2.58 -3.10
C SER A 254 -20.19 -1.88 -1.75
N SER A 255 -20.48 -2.62 -0.68
CA SER A 255 -20.83 -1.96 0.59
C SER A 255 -19.59 -1.38 1.30
N MET A 256 -18.40 -1.61 0.73
CA MET A 256 -17.15 -1.07 1.30
C MET A 256 -16.33 -0.47 0.16
N SER A 257 -16.95 0.40 -0.65
CA SER A 257 -16.24 0.94 -1.81
C SER A 257 -16.47 2.45 -1.96
N LEU A 258 -15.77 2.99 -2.96
CA LEU A 258 -15.81 4.39 -3.38
C LEU A 258 -15.06 5.29 -2.40
N GLY A 259 -15.10 6.60 -2.67
CA GLY A 259 -14.39 7.53 -1.83
C GLY A 259 -12.91 7.21 -1.94
N PRO A 260 -12.12 7.35 -0.85
CA PRO A 260 -10.69 7.04 -0.88
C PRO A 260 -10.42 5.54 -0.94
N GLY A 261 -11.50 4.78 -1.07
CA GLY A 261 -11.42 3.34 -1.18
C GLY A 261 -11.21 2.95 -2.63
N HIS A 262 -11.95 1.95 -3.11
CA HIS A 262 -11.75 1.46 -4.47
C HIS A 262 -13.07 1.35 -5.24
N ASN A 263 -12.97 0.99 -6.52
CA ASN A 263 -14.16 0.81 -7.35
C ASN A 263 -14.85 -0.48 -6.89
N PRO A 264 -16.19 -0.53 -6.98
CA PRO A 264 -16.96 -1.69 -6.54
C PRO A 264 -16.81 -2.98 -7.34
N THR A 265 -16.60 -4.07 -6.61
CA THR A 265 -16.43 -5.39 -7.21
C THR A 265 -17.60 -5.72 -8.14
N GLU A 266 -18.83 -5.64 -7.61
CA GLU A 266 -20.01 -5.97 -8.39
C GLU A 266 -20.18 -5.05 -9.61
N SER A 267 -19.89 -3.77 -9.45
CA SER A 267 -20.03 -2.80 -10.54
C SER A 267 -19.05 -3.14 -11.67
N VAL A 268 -17.80 -3.42 -11.31
CA VAL A 268 -16.80 -3.77 -12.33
C VAL A 268 -17.19 -5.06 -13.03
N ALA A 269 -17.76 -6.02 -12.31
CA ALA A 269 -18.17 -7.28 -12.93
C ALA A 269 -19.36 -7.04 -13.85
N GLU A 270 -20.34 -6.27 -13.38
CA GLU A 270 -21.56 -6.03 -14.18
C GLU A 270 -21.28 -5.17 -15.43
N MET A 271 -20.35 -4.23 -15.35
CA MET A 271 -20.12 -3.31 -16.48
C MET A 271 -19.57 -4.02 -17.73
N LEU A 272 -19.10 -5.26 -17.61
CA LEU A 272 -18.49 -5.93 -18.76
C LEU A 272 -19.48 -6.69 -19.63
N GLU A 273 -20.72 -6.87 -19.17
CA GLU A 273 -21.69 -7.66 -19.93
C GLU A 273 -21.84 -7.15 -21.36
N GLY A 274 -21.66 -8.08 -22.31
CA GLY A 274 -21.78 -7.76 -23.71
C GLY A 274 -20.54 -7.19 -24.40
N THR A 275 -19.48 -6.92 -23.65
CA THR A 275 -18.26 -6.34 -24.23
C THR A 275 -17.32 -7.42 -24.77
N GLY A 276 -17.55 -8.67 -24.40
CA GLY A 276 -16.66 -9.75 -24.83
C GLY A 276 -15.77 -10.10 -23.65
N TYR A 277 -15.69 -9.20 -22.68
CA TYR A 277 -14.91 -9.46 -21.48
C TYR A 277 -15.85 -9.95 -20.39
N THR A 278 -15.33 -10.76 -19.49
CA THR A 278 -16.15 -11.24 -18.41
C THR A 278 -15.29 -11.64 -17.24
N THR A 279 -15.91 -11.72 -16.08
CA THR A 279 -15.26 -12.19 -14.88
C THR A 279 -16.02 -13.44 -14.51
N ASN A 280 -15.44 -14.34 -13.73
CA ASN A 280 -16.28 -15.48 -13.40
C ASN A 280 -16.58 -15.48 -11.91
N LEU A 281 -17.07 -14.35 -11.43
CA LEU A 281 -17.44 -14.23 -10.04
C LEU A 281 -18.88 -14.69 -9.88
N ASP A 282 -19.19 -15.28 -8.73
CA ASP A 282 -20.52 -15.77 -8.40
C ASP A 282 -21.31 -14.60 -7.79
N TYR A 283 -22.28 -14.08 -8.52
CA TYR A 283 -23.04 -12.91 -8.06
C TYR A 283 -23.76 -13.17 -6.75
N ASP A 284 -24.19 -14.41 -6.52
CA ASP A 284 -24.88 -14.74 -5.28
C ASP A 284 -23.91 -14.63 -4.11
N ARG A 285 -22.70 -15.17 -4.26
CA ARG A 285 -21.71 -15.08 -3.19
C ARG A 285 -21.38 -13.60 -2.95
N LEU A 286 -21.26 -12.81 -4.02
CA LEU A 286 -20.94 -11.39 -3.87
C LEU A 286 -22.03 -10.69 -3.08
N HIS A 287 -23.29 -11.05 -3.35
CA HIS A 287 -24.41 -10.44 -2.67
C HIS A 287 -24.34 -10.70 -1.16
N LYS A 288 -23.95 -11.90 -0.78
CA LYS A 288 -23.85 -12.25 0.64
C LYS A 288 -22.71 -11.49 1.30
N ILE A 289 -21.58 -11.36 0.60
CA ILE A 289 -20.44 -10.62 1.13
C ILE A 289 -20.82 -9.15 1.27
N ARG A 290 -21.52 -8.57 0.24
CA ARG A 290 -22.00 -7.19 0.33
C ARG A 290 -22.72 -7.02 1.67
N ASP A 291 -23.87 -7.85 1.76
CA ASP A 291 -24.81 -7.63 2.86
C ASP A 291 -24.10 -7.82 4.20
N HIS A 292 -23.11 -8.71 4.22
CA HIS A 292 -22.40 -8.94 5.46
C HIS A 292 -21.75 -7.65 5.93
N PHE A 293 -21.00 -6.99 5.05
CA PHE A 293 -20.31 -5.76 5.43
C PHE A 293 -21.25 -4.57 5.55
N LYS A 294 -22.37 -4.56 4.82
CA LYS A 294 -23.30 -3.44 4.93
C LYS A 294 -23.86 -3.39 6.36
N ALA A 295 -24.02 -4.56 6.97
CA ALA A 295 -24.57 -4.64 8.32
C ALA A 295 -23.54 -4.21 9.35
N ILE A 296 -22.27 -4.44 9.03
CA ILE A 296 -21.19 -4.14 9.97
C ILE A 296 -20.61 -2.73 9.81
N ARG A 297 -20.58 -2.18 8.59
CA ARG A 297 -19.92 -0.88 8.38
C ARG A 297 -20.41 0.24 9.30
N PRO A 298 -21.73 0.36 9.55
CA PRO A 298 -22.14 1.46 10.43
C PRO A 298 -21.41 1.56 11.77
N LYS A 299 -20.93 0.44 12.31
CA LYS A 299 -20.25 0.45 13.61
C LYS A 299 -18.94 1.21 13.55
N TYR A 300 -18.43 1.51 12.35
CA TYR A 300 -17.13 2.18 12.23
C TYR A 300 -17.29 3.65 11.81
N LYS A 301 -18.45 4.25 12.02
CA LYS A 301 -18.66 5.63 11.58
C LYS A 301 -17.65 6.60 12.18
N LYS A 302 -17.17 6.36 13.39
CA LYS A 302 -16.22 7.30 14.00
C LYS A 302 -14.89 7.32 13.22
N PHE A 303 -14.68 6.40 12.30
CA PHE A 303 -13.41 6.35 11.58
C PHE A 303 -13.59 6.62 10.08
N GLU A 304 -14.78 7.02 9.64
CA GLU A 304 -15.04 7.25 8.20
C GLU A 304 -14.54 8.62 7.74
N SER A 305 -14.19 8.71 6.45
CA SER A 305 -13.74 9.96 5.81
C SER A 305 -14.99 10.70 5.35
N LYS A 306 -14.91 11.98 5.02
CA LYS A 306 -16.13 12.70 4.65
C LYS A 306 -16.11 13.22 3.21
N THR A 307 -15.28 12.66 2.33
CA THR A 307 -15.28 13.13 0.94
C THR A 307 -15.30 11.94 -0.01
N LEU A 308 -16.33 11.85 -0.85
CA LEU A 308 -16.49 10.74 -1.79
C LEU A 308 -15.67 10.97 -3.06
N VAL A 309 -15.56 12.22 -3.52
CA VAL A 309 -14.82 12.49 -4.75
C VAL A 309 -14.02 13.77 -4.61
N ASP A 310 -12.75 13.70 -4.99
CA ASP A 310 -11.87 14.88 -4.92
C ASP A 310 -10.87 14.80 -6.07
N THR A 311 -11.02 15.71 -7.05
CA THR A 311 -10.15 15.74 -8.23
C THR A 311 -9.08 16.82 -8.09
N SER A 312 -9.04 17.52 -6.96
CA SER A 312 -8.09 18.62 -6.78
C SER A 312 -6.63 18.17 -7.00
N ILE A 313 -6.31 16.91 -6.73
CA ILE A 313 -4.94 16.42 -6.87
C ILE A 313 -4.44 16.53 -8.33
N PHE A 314 -5.34 16.52 -9.30
CA PHE A 314 -4.92 16.60 -10.69
C PHE A 314 -4.29 17.97 -10.96
N LYS A 315 -4.55 18.92 -10.08
CA LYS A 315 -3.98 20.26 -10.24
C LYS A 315 -2.88 20.51 -9.21
N SER A 316 -3.06 20.04 -7.99
CA SER A 316 -2.11 20.33 -6.90
C SER A 316 -1.04 19.26 -6.70
N GLN A 317 -1.24 18.04 -7.20
CA GLN A 317 -0.26 16.96 -6.98
C GLN A 317 -0.28 16.54 -5.50
N ILE A 318 -1.17 17.13 -4.70
CA ILE A 318 -1.17 16.81 -3.28
C ILE A 318 -2.35 15.91 -2.92
N PRO A 319 -2.06 14.72 -2.38
CA PRO A 319 -3.08 13.75 -1.98
C PRO A 319 -3.82 14.30 -0.76
N GLY A 320 -5.13 14.13 -0.72
CA GLY A 320 -5.93 14.62 0.40
C GLY A 320 -5.33 14.33 1.76
N GLY A 321 -4.85 13.11 1.95
CA GLY A 321 -4.26 12.74 3.22
C GLY A 321 -3.06 13.61 3.55
N MET A 322 -2.21 13.84 2.55
CA MET A 322 -1.02 14.64 2.72
C MET A 322 -1.41 16.09 3.03
N LEU A 323 -2.49 16.56 2.40
CA LEU A 323 -2.94 17.93 2.61
C LEU A 323 -3.45 18.12 4.04
N SER A 324 -4.26 17.19 4.51
CA SER A 324 -4.81 17.27 5.87
C SER A 324 -3.69 17.41 6.88
N ASN A 325 -2.68 16.55 6.77
CA ASN A 325 -1.56 16.55 7.69
C ASN A 325 -0.92 17.93 7.77
N MET A 326 -0.61 18.53 6.62
CA MET A 326 0.02 19.84 6.63
C MET A 326 -0.90 20.85 7.30
N GLU A 327 -2.20 20.71 7.08
CA GLU A 327 -3.19 21.60 7.69
C GLU A 327 -3.06 21.54 9.19
N SER A 328 -3.13 20.34 9.76
CA SER A 328 -3.02 20.15 11.19
C SER A 328 -1.72 20.74 11.69
N GLN A 329 -0.65 20.55 10.93
CA GLN A 329 0.66 21.07 11.32
C GLN A 329 0.65 22.60 11.26
N LEU A 330 -0.17 23.17 10.39
CA LEU A 330 -0.25 24.62 10.28
C LEU A 330 -1.30 25.17 11.23
N ARG A 331 -2.04 24.27 11.87
CA ARG A 331 -3.07 24.66 12.83
C ARG A 331 -2.46 24.68 14.24
N ALA A 332 -1.66 23.67 14.53
CA ALA A 332 -1.05 23.51 15.83
C ALA A 332 0.16 24.42 16.01
N GLN A 333 0.40 25.34 15.08
CA GLN A 333 1.53 26.26 15.22
C GLN A 333 1.07 27.71 15.21
N GLY A 334 0.04 28.01 14.42
CA GLY A 334 -0.45 29.37 14.38
C GLY A 334 -0.42 30.05 13.03
N ALA A 335 0.06 29.36 12.00
CA ALA A 335 0.14 29.94 10.67
C ALA A 335 -0.73 29.15 9.71
N GLU A 336 -2.05 29.24 9.87
CA GLU A 336 -2.99 28.56 8.99
C GLU A 336 -3.19 29.44 7.76
N ASP A 337 -2.57 30.61 7.82
CA ASP A 337 -2.64 31.62 6.76
C ASP A 337 -1.67 31.27 5.63
N LYS A 338 -0.68 30.43 5.93
CA LYS A 338 0.34 30.10 4.96
C LYS A 338 0.07 28.75 4.28
N MET A 339 -1.19 28.35 4.21
CA MET A 339 -1.51 27.07 3.57
C MET A 339 -1.33 27.20 2.06
N ASP A 340 -1.71 28.33 1.50
CA ASP A 340 -1.57 28.55 0.07
C ASP A 340 -0.09 28.58 -0.30
N GLU A 341 0.75 28.94 0.66
CA GLU A 341 2.18 29.01 0.42
C GLU A 341 2.80 27.61 0.52
N VAL A 342 2.30 26.82 1.46
CA VAL A 342 2.77 25.47 1.66
C VAL A 342 2.46 24.63 0.41
N MET A 343 1.21 24.72 -0.06
CA MET A 343 0.79 23.97 -1.23
C MET A 343 1.60 24.36 -2.45
N ALA A 344 2.24 25.53 -2.40
CA ALA A 344 3.05 25.98 -3.51
C ALA A 344 4.48 25.53 -3.30
N GLU A 345 4.82 25.24 -2.06
CA GLU A 345 6.16 24.80 -1.68
C GLU A 345 6.34 23.30 -1.95
N VAL A 346 5.32 22.51 -1.64
CA VAL A 346 5.37 21.06 -1.83
C VAL A 346 5.99 20.71 -3.18
N PRO A 347 5.38 21.18 -4.29
CA PRO A 347 5.95 20.88 -5.61
C PRO A 347 7.45 21.09 -5.70
N ARG A 348 7.93 22.18 -5.10
CA ARG A 348 9.35 22.48 -5.13
C ARG A 348 10.14 21.48 -4.29
N VAL A 349 9.59 21.09 -3.14
CA VAL A 349 10.28 20.12 -2.29
C VAL A 349 10.31 18.76 -3.00
N ARG A 350 9.17 18.37 -3.59
CA ARG A 350 9.09 17.09 -4.30
C ARG A 350 10.19 17.04 -5.35
N LYS A 351 10.26 18.10 -6.16
CA LYS A 351 11.25 18.23 -7.22
C LYS A 351 12.65 18.05 -6.67
N ALA A 352 12.96 18.76 -5.59
CA ALA A 352 14.27 18.70 -4.96
C ALA A 352 14.59 17.28 -4.52
N ALA A 353 13.56 16.54 -4.12
CA ALA A 353 13.73 15.17 -3.63
C ALA A 353 13.77 14.18 -4.79
N GLY A 354 13.68 14.67 -6.02
CA GLY A 354 13.74 13.77 -7.16
C GLY A 354 12.40 13.25 -7.68
N PHE A 355 11.32 13.93 -7.33
CA PHE A 355 9.96 13.60 -7.76
C PHE A 355 9.53 12.20 -7.29
N PRO A 356 9.69 11.90 -6.00
CA PRO A 356 9.25 10.56 -5.61
C PRO A 356 7.71 10.55 -5.57
N PRO A 357 7.09 9.37 -5.72
CA PRO A 357 5.62 9.27 -5.67
C PRO A 357 5.21 9.83 -4.30
N LEU A 358 4.05 10.48 -4.20
CA LEU A 358 3.66 11.04 -2.91
C LEU A 358 2.80 10.08 -2.10
N VAL A 359 3.42 8.98 -1.70
CA VAL A 359 2.78 7.96 -0.87
C VAL A 359 3.58 7.84 0.41
N THR A 360 3.01 7.24 1.44
CA THR A 360 3.73 7.08 2.71
C THR A 360 4.99 6.29 2.46
N PRO A 361 6.12 6.70 3.07
CA PRO A 361 6.29 7.86 3.96
C PRO A 361 6.73 9.14 3.25
N SER A 362 7.10 9.03 1.98
CA SER A 362 7.58 10.16 1.20
C SER A 362 6.65 11.37 1.33
N SER A 363 5.34 11.14 1.31
CA SER A 363 4.36 12.22 1.39
C SER A 363 4.50 12.99 2.71
N GLN A 364 4.67 12.30 3.83
CA GLN A 364 4.81 12.98 5.11
C GLN A 364 6.13 13.74 5.15
N ILE A 365 7.20 13.09 4.69
CA ILE A 365 8.51 13.70 4.69
C ILE A 365 8.50 14.98 3.86
N VAL A 366 7.95 14.91 2.66
CA VAL A 366 7.89 16.06 1.77
C VAL A 366 6.95 17.12 2.34
N GLY A 367 5.82 16.68 2.89
CA GLY A 367 4.87 17.61 3.45
C GLY A 367 5.40 18.41 4.63
N THR A 368 6.04 17.71 5.56
CA THR A 368 6.60 18.36 6.75
C THR A 368 7.70 19.33 6.36
N GLN A 369 8.58 18.90 5.46
CA GLN A 369 9.68 19.75 5.02
C GLN A 369 9.13 21.00 4.35
N ALA A 370 8.03 20.85 3.63
CA ALA A 370 7.40 21.96 2.93
C ALA A 370 6.91 23.00 3.94
N VAL A 371 6.41 22.53 5.07
CA VAL A 371 5.91 23.44 6.10
C VAL A 371 7.08 24.18 6.74
N PHE A 372 8.21 23.51 6.92
CA PHE A 372 9.37 24.14 7.53
C PHE A 372 9.89 25.25 6.63
N ASN A 373 10.10 24.94 5.35
CA ASN A 373 10.60 25.90 4.39
C ASN A 373 9.74 27.17 4.39
N VAL A 374 8.45 27.01 4.64
CA VAL A 374 7.55 28.16 4.66
C VAL A 374 7.77 28.95 5.95
N MET A 375 7.79 28.24 7.08
CA MET A 375 7.94 28.88 8.39
C MET A 375 9.38 29.34 8.60
N MET A 376 10.23 28.42 9.05
CA MET A 376 11.63 28.69 9.36
C MET A 376 12.41 29.18 8.14
N GLY A 377 11.96 28.87 6.94
CA GLY A 377 12.67 29.33 5.77
C GLY A 377 13.20 28.24 4.85
N GLU A 378 13.59 28.63 3.65
CA GLU A 378 14.09 27.72 2.63
C GLU A 378 15.16 26.79 3.20
N TYR A 379 14.76 25.56 3.45
CA TYR A 379 15.64 24.50 3.97
C TYR A 379 16.51 24.99 5.12
N LYS A 380 16.12 26.06 5.80
CA LYS A 380 16.91 26.53 6.93
C LYS A 380 17.08 25.40 7.93
N ARG A 381 16.02 24.62 8.09
CA ARG A 381 16.00 23.47 8.98
C ARG A 381 15.40 22.26 8.26
N MET A 382 16.19 21.22 8.08
CA MET A 382 15.71 20.00 7.44
C MET A 382 15.45 18.95 8.51
N THR A 383 14.34 18.23 8.39
CA THR A 383 14.02 17.18 9.33
C THR A 383 15.02 16.04 9.13
N GLY A 384 15.05 15.10 10.05
CA GLY A 384 15.97 13.98 9.92
C GLY A 384 15.60 13.08 8.76
N GLU A 385 14.29 12.96 8.51
CA GLU A 385 13.78 12.13 7.44
C GLU A 385 14.12 12.75 6.09
N PHE A 386 13.77 14.02 5.90
CA PHE A 386 14.04 14.69 4.63
C PHE A 386 15.53 14.60 4.31
N ALA A 387 16.35 14.79 5.34
CA ALA A 387 17.81 14.73 5.16
C ALA A 387 18.20 13.36 4.63
N ASP A 388 17.59 12.31 5.17
CA ASP A 388 17.89 10.94 4.76
C ASP A 388 17.47 10.72 3.31
N ILE A 389 16.31 11.26 2.91
CA ILE A 389 15.87 11.09 1.52
C ILE A 389 16.86 11.77 0.59
N MET A 390 17.21 13.02 0.88
CA MET A 390 18.13 13.79 0.05
C MET A 390 19.51 13.14 0.02
N LEU A 391 19.89 12.46 1.09
CA LEU A 391 21.22 11.85 1.16
C LEU A 391 21.19 10.41 0.64
N GLY A 392 20.04 9.96 0.15
CA GLY A 392 19.95 8.61 -0.41
C GLY A 392 19.78 7.42 0.53
N TYR A 393 19.42 7.67 1.79
CA TYR A 393 19.29 6.56 2.72
C TYR A 393 17.97 5.81 2.54
N TYR A 394 17.13 6.28 1.64
CA TYR A 394 15.87 5.58 1.37
C TYR A 394 15.96 4.96 -0.01
N GLY A 395 17.06 5.26 -0.71
CA GLY A 395 17.25 4.71 -2.03
C GLY A 395 17.35 5.79 -3.09
N ALA A 396 17.28 5.38 -4.35
CA ALA A 396 17.37 6.31 -5.47
C ALA A 396 16.00 6.93 -5.75
N SER A 397 16.01 8.16 -6.23
CA SER A 397 14.78 8.86 -6.58
C SER A 397 14.53 8.69 -8.07
N PRO A 398 13.28 8.85 -8.54
CA PRO A 398 12.97 8.70 -9.95
C PRO A 398 13.83 9.63 -10.81
N ALA A 399 14.15 10.79 -10.27
CA ALA A 399 14.99 11.76 -10.96
C ALA A 399 16.10 12.19 -10.00
N ASP A 400 17.18 12.75 -10.56
CA ASP A 400 18.30 13.19 -9.73
C ASP A 400 17.84 14.27 -8.77
N ARG A 401 18.27 14.17 -7.52
CA ARG A 401 17.91 15.14 -6.49
C ARG A 401 18.74 16.41 -6.66
N ASP A 402 18.21 17.54 -6.21
CA ASP A 402 18.89 18.83 -6.32
C ASP A 402 20.20 18.81 -5.53
N PRO A 403 21.34 18.79 -6.24
CA PRO A 403 22.67 18.76 -5.64
C PRO A 403 22.88 19.85 -4.59
N LYS A 404 22.23 20.99 -4.80
CA LYS A 404 22.36 22.10 -3.87
C LYS A 404 21.66 21.78 -2.56
N VAL A 405 20.49 21.17 -2.63
CA VAL A 405 19.76 20.81 -1.43
C VAL A 405 20.42 19.61 -0.78
N VAL A 406 21.05 18.78 -1.60
CA VAL A 406 21.75 17.59 -1.10
C VAL A 406 22.89 18.04 -0.20
N LYS A 407 23.69 18.96 -0.70
CA LYS A 407 24.84 19.48 0.04
C LYS A 407 24.39 19.99 1.40
N LEU A 408 23.33 20.80 1.40
CA LEU A 408 22.80 21.36 2.65
C LEU A 408 22.43 20.24 3.62
N ALA A 409 21.88 19.15 3.09
CA ALA A 409 21.49 18.01 3.92
C ALA A 409 22.72 17.42 4.57
N GLU A 410 23.77 17.25 3.78
CA GLU A 410 25.03 16.69 4.26
C GLU A 410 25.64 17.62 5.30
N GLU A 411 25.62 18.92 5.03
CA GLU A 411 26.20 19.90 5.94
C GLU A 411 25.29 20.13 7.14
N GLN A 412 24.16 19.45 7.21
CA GLN A 412 23.27 19.67 8.35
C GLN A 412 23.04 18.37 9.12
N SER A 413 23.35 17.23 8.50
CA SER A 413 23.13 15.96 9.16
C SER A 413 24.45 15.31 9.54
N GLY A 414 25.51 15.67 8.82
CA GLY A 414 26.80 15.09 9.10
C GLY A 414 26.94 13.73 8.44
N LYS A 415 25.92 13.32 7.67
CA LYS A 415 25.94 12.06 6.96
C LYS A 415 26.42 12.27 5.54
N LYS A 416 27.19 11.30 5.03
CA LYS A 416 27.68 11.39 3.67
C LYS A 416 26.62 10.84 2.73
N PRO A 417 26.46 11.45 1.55
CA PRO A 417 25.45 10.95 0.63
C PRO A 417 25.84 9.56 0.13
N ILE A 418 24.85 8.68 -0.04
CA ILE A 418 25.09 7.34 -0.56
C ILE A 418 24.22 7.16 -1.79
N THR A 419 24.55 6.19 -2.63
CA THR A 419 23.77 5.99 -3.84
C THR A 419 23.51 4.50 -4.08
N GLN A 420 24.08 3.64 -3.25
CA GLN A 420 23.89 2.20 -3.39
C GLN A 420 22.72 1.78 -2.51
N ARG A 421 22.23 0.55 -2.69
CA ARG A 421 21.12 0.06 -1.89
C ARG A 421 21.47 0.27 -0.42
N PRO A 422 20.60 0.97 0.33
CA PRO A 422 20.82 1.25 1.75
C PRO A 422 21.07 0.02 2.64
N ALA A 423 20.43 -1.10 2.32
CA ALA A 423 20.55 -2.33 3.11
C ALA A 423 21.96 -2.91 3.01
N ASP A 424 22.72 -2.46 2.02
CA ASP A 424 24.10 -2.93 1.85
C ASP A 424 24.94 -2.55 3.07
N LEU A 425 24.53 -1.50 3.77
CA LEU A 425 25.28 -1.00 4.92
C LEU A 425 24.75 -1.60 6.22
N LEU A 426 23.58 -2.21 6.18
CA LEU A 426 22.99 -2.76 7.41
C LEU A 426 23.66 -4.07 7.81
N PRO A 427 24.05 -4.18 9.10
CA PRO A 427 24.71 -5.36 9.64
C PRO A 427 23.67 -6.36 10.13
N PRO A 428 24.07 -7.62 10.33
CA PRO A 428 23.12 -8.64 10.82
C PRO A 428 22.48 -8.11 12.11
N GLU A 429 21.19 -8.38 12.32
CA GLU A 429 20.52 -7.85 13.50
C GLU A 429 19.55 -8.88 14.11
N TRP A 430 19.34 -10.00 13.44
CA TRP A 430 18.39 -10.99 13.93
C TRP A 430 18.70 -11.43 15.36
N GLU A 431 19.94 -11.83 15.60
CA GLU A 431 20.31 -12.33 16.91
C GLU A 431 20.08 -11.24 17.95
N LYS A 432 20.39 -10.01 17.60
CA LYS A 432 20.20 -8.87 18.50
C LYS A 432 18.71 -8.68 18.79
N GLN A 433 17.89 -8.81 17.75
CA GLN A 433 16.45 -8.65 17.91
C GLN A 433 15.90 -9.75 18.80
N SER A 434 16.34 -10.99 18.57
CA SER A 434 15.87 -12.15 19.34
C SER A 434 16.15 -11.96 20.82
N LYS A 435 17.37 -11.57 21.16
CA LYS A 435 17.76 -11.40 22.56
C LYS A 435 16.85 -10.37 23.25
N GLU A 436 16.75 -9.19 22.64
CA GLU A 436 15.95 -8.09 23.21
C GLU A 436 14.49 -8.52 23.36
N ALA A 437 13.94 -9.16 22.33
CA ALA A 437 12.55 -9.58 22.35
C ALA A 437 12.28 -10.58 23.47
N ALA A 438 13.22 -11.51 23.68
CA ALA A 438 13.05 -12.57 24.68
C ALA A 438 13.00 -12.01 26.11
N THR A 439 13.30 -10.73 26.30
CA THR A 439 13.28 -10.17 27.66
C THR A 439 11.95 -9.44 27.92
N LEU A 440 10.97 -9.61 27.03
CA LEU A 440 9.69 -8.93 27.20
C LEU A 440 8.65 -9.89 27.77
N LYS A 441 7.96 -9.44 28.81
CA LYS A 441 6.90 -10.23 29.42
C LYS A 441 5.85 -10.52 28.36
N GLY A 442 5.52 -11.78 28.13
CA GLY A 442 4.53 -12.13 27.13
C GLY A 442 5.11 -12.74 25.86
N PHE A 443 6.39 -12.46 25.59
CA PHE A 443 7.06 -13.01 24.42
C PHE A 443 6.83 -14.52 24.39
N ASN A 444 6.40 -15.06 23.24
CA ASN A 444 6.10 -16.50 23.17
C ASN A 444 7.23 -17.30 22.53
N GLY A 445 8.41 -16.70 22.38
CA GLY A 445 9.54 -17.43 21.81
C GLY A 445 9.53 -17.82 20.35
N THR A 446 8.59 -17.30 19.57
CA THR A 446 8.55 -17.66 18.15
C THR A 446 9.24 -16.58 17.33
N ASP A 447 9.67 -16.93 16.12
CA ASP A 447 10.28 -15.96 15.23
C ASP A 447 9.22 -14.91 14.90
N GLU A 448 7.96 -15.34 14.86
CA GLU A 448 6.86 -14.42 14.61
C GLU A 448 6.90 -13.27 15.62
N ASP A 449 7.08 -13.59 16.91
CA ASP A 449 7.12 -12.57 17.95
C ASP A 449 8.38 -11.70 17.81
N VAL A 450 9.51 -12.32 17.49
CA VAL A 450 10.74 -11.56 17.31
C VAL A 450 10.53 -10.53 16.19
N LEU A 451 9.84 -10.96 15.13
CA LEU A 451 9.57 -10.06 14.01
C LEU A 451 8.67 -8.93 14.49
N THR A 452 7.69 -9.25 15.33
CA THR A 452 6.80 -8.21 15.82
C THR A 452 7.61 -7.16 16.57
N TYR A 453 8.61 -7.60 17.34
CA TYR A 453 9.46 -6.68 18.09
C TYR A 453 10.36 -5.89 17.13
N ALA A 454 10.90 -6.56 16.13
CA ALA A 454 11.81 -5.92 15.17
C ALA A 454 11.06 -4.86 14.35
N LEU A 455 9.80 -5.14 14.01
CA LEU A 455 9.01 -4.23 13.20
C LEU A 455 8.42 -3.09 14.05
N PHE A 456 7.98 -3.39 15.27
CA PHE A 456 7.38 -2.37 16.13
C PHE A 456 7.92 -2.48 17.56
N PRO A 457 9.17 -2.07 17.75
CA PRO A 457 9.86 -2.11 19.04
C PRO A 457 9.12 -1.46 20.21
N GLN A 458 8.49 -0.32 19.95
CA GLN A 458 7.82 0.42 21.01
C GLN A 458 6.39 -0.06 21.26
N VAL A 459 5.85 -0.92 20.40
CA VAL A 459 4.49 -1.40 20.60
C VAL A 459 4.52 -2.84 21.12
N ALA A 460 5.49 -3.61 20.65
CA ALA A 460 5.62 -5.02 21.02
C ALA A 460 5.50 -5.21 22.53
N PRO A 461 6.18 -4.38 23.34
CA PRO A 461 6.09 -4.54 24.80
C PRO A 461 4.67 -4.59 25.34
N VAL A 462 3.90 -3.55 25.03
CA VAL A 462 2.51 -3.43 25.47
C VAL A 462 1.66 -4.56 24.92
N PHE A 463 1.84 -4.89 23.64
CA PHE A 463 1.05 -5.93 23.01
C PHE A 463 1.29 -7.28 23.67
N PHE A 464 2.55 -7.68 23.79
CA PHE A 464 2.89 -8.97 24.39
C PHE A 464 2.27 -9.10 25.79
N GLU A 465 2.20 -7.97 26.50
CA GLU A 465 1.67 -7.96 27.85
C GLU A 465 0.14 -8.14 27.89
N HIS A 466 -0.57 -7.65 26.89
CA HIS A 466 -2.04 -7.71 26.92
C HIS A 466 -2.62 -8.74 25.94
N ARG A 467 -1.81 -9.31 25.07
CA ARG A 467 -2.27 -10.27 24.07
C ARG A 467 -3.17 -11.36 24.64
N ALA A 468 -2.86 -11.86 25.85
CA ALA A 468 -3.65 -12.94 26.46
C ALA A 468 -5.11 -12.51 26.66
N GLU A 469 -5.39 -11.23 26.68
CA GLU A 469 -6.75 -10.76 26.90
C GLU A 469 -7.61 -10.99 25.65
N GLY A 470 -6.95 -11.28 24.53
CA GLY A 470 -7.69 -11.52 23.30
C GLY A 470 -7.96 -10.29 22.45
N PRO A 471 -8.24 -10.48 21.15
CA PRO A 471 -8.51 -9.36 20.25
C PRO A 471 -9.73 -8.56 20.67
N HIS A 472 -9.67 -7.24 20.46
CA HIS A 472 -10.78 -6.37 20.80
C HIS A 472 -11.22 -5.58 19.56
N SER A 473 -12.17 -4.69 19.76
CA SER A 473 -12.69 -3.86 18.69
C SER A 473 -12.84 -2.44 19.20
N VAL A 474 -12.52 -1.47 18.36
CA VAL A 474 -12.65 -0.07 18.74
C VAL A 474 -13.86 0.52 18.01
N ALA A 475 -14.69 -0.37 17.46
CA ALA A 475 -15.89 0.04 16.73
C ALA A 475 -17.03 0.14 17.72
N LEU A 476 -18.04 0.92 17.36
CA LEU A 476 -19.21 1.08 18.21
C LEU A 476 -19.91 -0.27 18.32
N THR A 477 -20.48 -0.57 19.48
CA THR A 477 -21.21 -1.81 19.66
C THR A 477 -22.62 -1.60 19.14
N ASP A 478 -23.37 -2.67 18.94
CA ASP A 478 -24.73 -2.54 18.45
C ASP A 478 -25.50 -1.64 19.42
N ALA A 479 -25.23 -1.83 20.70
CA ALA A 479 -25.87 -1.06 21.75
C ALA A 479 -25.57 0.42 21.56
N GLN A 480 -24.28 0.74 21.34
CA GLN A 480 -23.88 2.13 21.15
C GLN A 480 -24.48 2.68 19.87
N LEU A 481 -24.67 1.83 18.86
CA LEU A 481 -25.26 2.29 17.60
C LEU A 481 -26.70 2.70 17.85
N LYS A 482 -27.45 1.84 18.52
CA LYS A 482 -28.86 2.08 18.83
C LYS A 482 -28.97 3.33 19.70
N ALA A 483 -28.31 3.30 20.85
CA ALA A 483 -28.33 4.39 21.81
C ALA A 483 -28.03 5.73 21.13
N GLU A 484 -27.20 5.70 20.10
CA GLU A 484 -26.83 6.93 19.38
C GLU A 484 -27.93 7.34 18.40
N ALA A 485 -28.70 6.34 17.94
CA ALA A 485 -29.81 6.58 17.02
C ALA A 485 -31.12 6.73 17.77
#